data_1Q72
#
_entry.id   1Q72
#
_cell.length_a   75.386
_cell.length_b   75.386
_cell.length_c   150.817
_cell.angle_alpha   90.00
_cell.angle_beta   90.00
_cell.angle_gamma   120.00
#
_symmetry.space_group_name_H-M   'P 31 2 1'
#
loop_
_entity.id
_entity.type
_entity.pdbx_description
1 polymer 'Fab M82G2, Light chain'
2 polymer 'Fab M82G2, Heavy chain'
3 non-polymer COCAINE
4 water water
#
loop_
_entity_poly.entity_id
_entity_poly.type
_entity_poly.pdbx_seq_one_letter_code
_entity_poly.pdbx_strand_id
1 'polypeptide(L)'
;DIVMTQAAPSVPVTPGESVSISCRSSKSLLHSNGYTYLHWFLQRPGQSPQLLIYRVSNLASGVPDRFSGSGSGTAFTLRF
SRVEAEDVGVYYCMQHLEYPFTFGSGTKLEIKRADAAPTVSIFPPSSEQLTSGGASVVCFLNNFYPQDITVSWKIDGAER
SSGVLNSWTDQDSSDSTYSMSSTLTLTKDEYERHSSYTCEATHKTSTSPITKSFNRGE
;
L
2 'polypeptide(L)'
;EVTLQESGGGLVQPGGSMKLSCAASGFTFSDAWVDWVRQSPGKGLEWVAEIRNKANNHATKYTESVKGRFTISRDDSKSS
VYLQMNSLRAEDTGIYYCTSVPQLGRGFAYWGQGTLVTVSAASTTPPSVYPLAPGSGGASTSGSMVTLGCLVKGYFPEPV
TVTWNSGALSSGVHTFPAVLNGDLYTLSSSVTVPSSTWPSQTVTCNVAHPASSTQVDKKIVPK
;
H
#
loop_
_chem_comp.id
_chem_comp.type
_chem_comp.name
_chem_comp.formula
COC non-polymer COCAINE 'C17 H21 N O4'
#
# COMPACT_ATOMS: atom_id res chain seq x y z
N ASP A 1 0.53 -22.36 -18.65
CA ASP A 1 1.42 -21.23 -18.25
C ASP A 1 2.56 -21.73 -17.38
N ILE A 2 3.67 -21.01 -17.39
CA ILE A 2 4.80 -21.36 -16.55
C ILE A 2 4.45 -20.90 -15.14
N VAL A 3 4.61 -21.79 -14.17
CA VAL A 3 4.29 -21.46 -12.79
C VAL A 3 5.56 -21.12 -12.03
N MET A 4 5.57 -19.93 -11.43
CA MET A 4 6.72 -19.49 -10.65
C MET A 4 6.38 -19.69 -9.19
N THR A 5 7.24 -20.40 -8.47
CA THR A 5 7.00 -20.69 -7.06
C THR A 5 8.03 -20.11 -6.12
N GLN A 6 7.54 -19.39 -5.12
CA GLN A 6 8.38 -18.80 -4.08
C GLN A 6 7.82 -19.36 -2.78
N ALA A 7 8.34 -20.52 -2.39
CA ALA A 7 7.93 -21.22 -1.19
C ALA A 7 7.72 -20.34 0.05
N ALA A 8 8.75 -19.60 0.43
CA ALA A 8 8.67 -18.74 1.61
C ALA A 8 7.80 -17.50 1.42
N PRO A 9 6.76 -17.35 2.24
CA PRO A 9 5.85 -16.18 2.17
C PRO A 9 6.58 -14.97 2.73
N SER A 10 7.54 -15.24 3.61
CA SER A 10 8.32 -14.19 4.23
C SER A 10 9.61 -14.79 4.76
N VAL A 11 10.55 -13.91 5.14
CA VAL A 11 11.81 -14.34 5.69
C VAL A 11 12.32 -13.26 6.65
N PRO A 12 12.58 -13.64 7.91
CA PRO A 12 13.06 -12.73 8.94
C PRO A 12 14.58 -12.62 8.85
N VAL A 13 15.09 -11.41 9.00
CA VAL A 13 16.53 -11.19 8.93
C VAL A 13 16.90 -10.00 9.80
N THR A 14 18.11 -10.03 10.35
CA THR A 14 18.56 -8.93 11.19
C THR A 14 19.50 -8.04 10.40
N PRO A 15 19.37 -6.71 10.54
CA PRO A 15 20.22 -5.76 9.83
C PRO A 15 21.70 -6.07 10.02
N GLY A 16 22.44 -6.07 8.92
CA GLY A 16 23.87 -6.35 8.99
C GLY A 16 24.23 -7.74 8.47
N GLU A 17 23.31 -8.70 8.58
CA GLU A 17 23.61 -10.05 8.12
C GLU A 17 23.16 -10.31 6.69
N SER A 18 23.67 -11.40 6.13
N SER A 18 23.67 -11.40 6.12
CA SER A 18 23.35 -11.81 4.77
CA SER A 18 23.33 -11.79 4.76
C SER A 18 22.14 -12.75 4.77
C SER A 18 22.13 -12.73 4.78
N VAL A 19 21.40 -12.78 3.66
CA VAL A 19 20.23 -13.63 3.54
C VAL A 19 19.98 -13.93 2.07
N SER A 20 19.19 -14.96 1.80
CA SER A 20 18.86 -15.33 0.44
C SER A 20 17.40 -15.75 0.30
N ILE A 21 16.84 -15.48 -0.88
CA ILE A 21 15.46 -15.81 -1.19
C ILE A 21 15.47 -16.71 -2.42
N SER A 22 14.63 -17.75 -2.41
CA SER A 22 14.57 -18.70 -3.51
C SER A 22 13.34 -18.56 -4.39
N CYS A 23 13.45 -19.02 -5.63
CA CYS A 23 12.37 -19.01 -6.61
C CYS A 23 12.58 -20.23 -7.49
N ARG A 24 11.49 -20.83 -7.93
CA ARG A 24 11.57 -22.02 -8.76
C ARG A 24 10.55 -21.90 -9.88
N SER A 25 10.89 -22.41 -11.06
CA SER A 25 9.97 -22.35 -12.18
C SER A 25 9.59 -23.77 -12.58
N SER A 26 8.41 -23.92 -13.17
CA SER A 26 7.91 -25.23 -13.59
C SER A 26 8.52 -25.70 -14.90
N LYS A 27 9.20 -24.78 -15.58
CA LYS A 27 9.84 -25.08 -16.86
C LYS A 27 11.17 -24.36 -16.92
N SER A 28 12.14 -24.90 -17.66
CA SER A 28 13.43 -24.24 -17.77
C SER A 28 13.23 -22.87 -18.41
N LEU A 29 13.91 -21.87 -17.89
CA LEU A 29 13.78 -20.53 -18.43
C LEU A 29 14.89 -20.20 -19.42
N LEU A 30 15.61 -21.25 -19.84
CA LEU A 30 16.70 -21.09 -20.80
C LEU A 30 16.09 -20.99 -22.20
N HIS A 31 16.36 -19.87 -22.86
CA HIS A 31 15.85 -19.62 -24.21
C HIS A 31 16.79 -20.26 -25.24
N SER A 32 16.29 -20.49 -26.44
CA SER A 32 17.09 -21.08 -27.49
C SER A 32 18.35 -20.26 -27.77
N ASN A 33 18.26 -18.95 -27.53
CA ASN A 33 19.39 -18.07 -27.77
C ASN A 33 20.48 -18.13 -26.70
N GLY A 34 20.31 -19.01 -25.72
CA GLY A 34 21.30 -19.15 -24.68
C GLY A 34 21.12 -18.30 -23.43
N TYR A 35 20.15 -17.40 -23.44
CA TYR A 35 19.89 -16.53 -22.30
C TYR A 35 18.83 -17.13 -21.40
N THR A 36 18.87 -16.79 -20.11
CA THR A 36 17.89 -17.28 -19.15
C THR A 36 17.04 -16.10 -18.73
N TYR A 37 15.77 -16.12 -19.11
CA TYR A 37 14.88 -15.01 -18.83
C TYR A 37 14.15 -15.04 -17.50
N LEU A 38 14.88 -14.76 -16.43
CA LEU A 38 14.34 -14.69 -15.09
C LEU A 38 14.78 -13.37 -14.48
N HIS A 39 13.83 -12.59 -13.96
CA HIS A 39 14.14 -11.31 -13.34
C HIS A 39 13.63 -11.26 -11.90
N TRP A 40 14.19 -10.36 -11.11
CA TRP A 40 13.80 -10.16 -9.71
C TRP A 40 13.32 -8.72 -9.55
N PHE A 41 12.24 -8.56 -8.79
CA PHE A 41 11.69 -7.23 -8.56
C PHE A 41 11.47 -7.00 -7.08
N LEU A 42 11.48 -5.73 -6.69
CA LEU A 42 11.24 -5.33 -5.31
C LEU A 42 10.03 -4.42 -5.32
N GLN A 43 9.14 -4.59 -4.35
CA GLN A 43 8.02 -3.68 -4.23
C GLN A 43 7.95 -3.22 -2.77
N ARG A 44 8.35 -1.99 -2.55
CA ARG A 44 8.33 -1.41 -1.21
C ARG A 44 6.90 -1.04 -0.92
N PRO A 45 6.54 -0.94 0.37
CA PRO A 45 5.16 -0.60 0.76
C PRO A 45 4.66 0.67 0.08
N GLY A 46 3.48 0.58 -0.53
CA GLY A 46 2.88 1.73 -1.17
C GLY A 46 3.57 2.28 -2.41
N GLN A 47 4.50 1.51 -2.98
N GLN A 47 4.49 1.51 -3.00
CA GLN A 47 5.22 1.92 -4.18
CA GLN A 47 5.19 1.94 -4.19
C GLN A 47 5.00 0.91 -5.29
C GLN A 47 5.05 0.92 -5.31
N SER A 48 5.43 1.27 -6.50
N SER A 48 5.51 1.29 -6.50
CA SER A 48 5.30 0.36 -7.63
CA SER A 48 5.43 0.44 -7.67
C SER A 48 6.50 -0.60 -7.61
C SER A 48 6.59 -0.56 -7.67
N PRO A 49 6.39 -1.72 -8.32
CA PRO A 49 7.49 -2.70 -8.36
C PRO A 49 8.66 -2.01 -9.05
N GLN A 50 9.87 -2.48 -8.78
CA GLN A 50 11.05 -1.92 -9.43
C GLN A 50 12.02 -3.05 -9.70
N LEU A 51 12.66 -2.99 -10.86
CA LEU A 51 13.61 -4.02 -11.27
C LEU A 51 14.83 -4.06 -10.37
N LEU A 52 15.23 -5.26 -9.94
CA LEU A 52 16.41 -5.42 -9.11
C LEU A 52 17.50 -6.08 -9.93
N ILE A 53 17.17 -7.24 -10.49
CA ILE A 53 18.09 -8.01 -11.29
C ILE A 53 17.40 -8.56 -12.52
N TYR A 54 18.08 -8.49 -13.67
CA TYR A 54 17.52 -9.03 -14.90
C TYR A 54 18.39 -10.18 -15.40
N ARG A 55 17.74 -11.15 -16.03
N ARG A 55 17.74 -11.16 -16.02
CA ARG A 55 18.42 -12.33 -16.54
CA ARG A 55 18.42 -12.34 -16.54
C ARG A 55 19.34 -12.97 -15.50
C ARG A 55 19.33 -12.97 -15.51
N VAL A 56 18.72 -13.42 -14.41
CA VAL A 56 19.44 -14.10 -13.33
C VAL A 56 20.45 -13.36 -12.44
N SER A 57 21.43 -12.68 -13.02
CA SER A 57 22.45 -12.05 -12.20
C SER A 57 22.93 -10.65 -12.57
N ASN A 58 22.21 -9.96 -13.44
CA ASN A 58 22.64 -8.62 -13.83
C ASN A 58 21.94 -7.58 -12.97
N LEU A 59 22.70 -6.81 -12.20
CA LEU A 59 22.09 -5.79 -11.37
C LEU A 59 21.61 -4.62 -12.21
N ALA A 60 20.41 -4.15 -11.92
CA ALA A 60 19.83 -3.04 -12.65
C ALA A 60 20.44 -1.74 -12.17
N SER A 61 20.27 -0.69 -12.96
CA SER A 61 20.78 0.63 -12.65
C SER A 61 20.29 1.13 -11.29
N GLY A 62 21.21 1.64 -10.48
CA GLY A 62 20.86 2.16 -9.17
C GLY A 62 20.60 1.13 -8.07
N VAL A 63 20.67 -0.15 -8.40
CA VAL A 63 20.45 -1.19 -7.40
C VAL A 63 21.73 -1.33 -6.59
N PRO A 64 21.62 -1.31 -5.25
CA PRO A 64 22.74 -1.42 -4.31
C PRO A 64 23.61 -2.65 -4.56
N ASP A 65 24.92 -2.50 -4.35
CA ASP A 65 25.85 -3.60 -4.55
C ASP A 65 25.56 -4.83 -3.68
N ARG A 66 24.82 -4.65 -2.59
N ARG A 66 24.82 -4.65 -2.60
CA ARG A 66 24.52 -5.76 -1.70
CA ARG A 66 24.50 -5.74 -1.69
C ARG A 66 23.65 -6.84 -2.31
C ARG A 66 23.68 -6.85 -2.34
N PHE A 67 23.07 -6.55 -3.48
CA PHE A 67 22.24 -7.54 -4.18
C PHE A 67 23.06 -8.34 -5.19
N SER A 68 22.68 -9.60 -5.35
CA SER A 68 23.32 -10.47 -6.33
C SER A 68 22.32 -11.57 -6.61
N GLY A 69 22.48 -12.24 -7.74
CA GLY A 69 21.56 -13.31 -8.09
C GLY A 69 22.30 -14.46 -8.73
N SER A 70 21.75 -15.66 -8.58
CA SER A 70 22.36 -16.84 -9.16
C SER A 70 21.26 -17.83 -9.52
N GLY A 71 21.64 -18.91 -10.20
CA GLY A 71 20.65 -19.91 -10.59
C GLY A 71 20.79 -20.34 -12.02
N SER A 72 19.97 -21.31 -12.40
CA SER A 72 19.96 -21.84 -13.76
C SER A 72 18.79 -22.80 -13.93
N GLY A 73 18.25 -22.83 -15.15
CA GLY A 73 17.15 -23.74 -15.44
C GLY A 73 15.85 -23.43 -14.73
N THR A 74 15.68 -24.04 -13.55
CA THR A 74 14.45 -23.87 -12.78
C THR A 74 14.66 -23.45 -11.32
N ALA A 75 15.91 -23.25 -10.91
CA ALA A 75 16.19 -22.86 -9.53
C ALA A 75 17.01 -21.59 -9.48
N PHE A 76 16.46 -20.55 -8.85
CA PHE A 76 17.14 -19.27 -8.74
C PHE A 76 17.19 -18.73 -7.34
N THR A 77 18.20 -17.92 -7.06
CA THR A 77 18.39 -17.35 -5.74
C THR A 77 18.75 -15.87 -5.74
N LEU A 78 18.07 -15.09 -4.91
CA LEU A 78 18.36 -13.67 -4.77
C LEU A 78 19.10 -13.59 -3.44
N ARG A 79 20.23 -12.88 -3.41
CA ARG A 79 21.01 -12.79 -2.18
C ARG A 79 21.38 -11.38 -1.73
N PHE A 80 21.36 -11.17 -0.41
CA PHE A 80 21.74 -9.90 0.19
C PHE A 80 23.06 -10.14 0.93
N SER A 81 24.07 -9.30 0.70
CA SER A 81 25.36 -9.47 1.38
C SER A 81 25.29 -8.91 2.80
N ARG A 82 24.57 -7.79 2.93
CA ARG A 82 24.35 -7.11 4.21
C ARG A 82 22.96 -6.49 4.13
N VAL A 83 22.00 -7.03 4.87
CA VAL A 83 20.64 -6.49 4.83
C VAL A 83 20.51 -5.21 5.65
N GLU A 84 19.71 -4.28 5.15
CA GLU A 84 19.49 -3.01 5.85
C GLU A 84 18.01 -2.90 6.20
N ALA A 85 17.71 -2.10 7.21
CA ALA A 85 16.33 -1.91 7.64
C ALA A 85 15.46 -1.44 6.48
N GLU A 86 16.02 -0.61 5.60
CA GLU A 86 15.29 -0.08 4.45
C GLU A 86 14.90 -1.13 3.42
N ASP A 87 15.41 -2.35 3.57
CA ASP A 87 15.12 -3.41 2.61
C ASP A 87 13.72 -4.02 2.74
N VAL A 88 12.95 -3.58 3.73
CA VAL A 88 11.61 -4.13 3.91
C VAL A 88 10.82 -3.96 2.63
N GLY A 89 10.06 -5.01 2.27
CA GLY A 89 9.27 -4.97 1.05
C GLY A 89 9.04 -6.39 0.58
N VAL A 90 8.42 -6.54 -0.58
CA VAL A 90 8.16 -7.87 -1.11
C VAL A 90 9.02 -8.07 -2.34
N TYR A 91 9.68 -9.22 -2.42
CA TYR A 91 10.57 -9.54 -3.53
C TYR A 91 9.94 -10.60 -4.41
N TYR A 92 9.82 -10.30 -5.71
CA TYR A 92 9.20 -11.21 -6.65
C TYR A 92 10.14 -11.65 -7.76
N CYS A 93 9.97 -12.88 -8.22
CA CYS A 93 10.75 -13.32 -9.37
C CYS A 93 9.72 -13.35 -10.50
N MET A 94 10.17 -13.26 -11.74
CA MET A 94 9.26 -13.27 -12.87
C MET A 94 9.95 -13.94 -14.05
N GLN A 95 9.19 -14.72 -14.81
CA GLN A 95 9.78 -15.37 -15.99
C GLN A 95 9.37 -14.51 -17.16
N HIS A 96 10.35 -14.22 -18.01
CA HIS A 96 10.17 -13.37 -19.19
C HIS A 96 10.52 -14.21 -20.43
N LEU A 97 10.16 -15.48 -20.40
CA LEU A 97 10.45 -16.38 -21.52
C LEU A 97 9.25 -16.59 -22.45
N GLU A 98 8.10 -16.93 -21.86
CA GLU A 98 6.90 -17.20 -22.63
C GLU A 98 5.69 -16.43 -22.14
N TYR A 99 4.71 -16.27 -23.03
CA TYR A 99 3.46 -15.61 -22.70
C TYR A 99 2.52 -16.70 -22.19
N PRO A 100 1.76 -16.43 -21.14
CA PRO A 100 1.75 -15.16 -20.42
C PRO A 100 2.95 -15.04 -19.50
N PHE A 101 3.50 -13.83 -19.38
CA PHE A 101 4.62 -13.64 -18.47
C PHE A 101 3.99 -13.89 -17.11
N THR A 102 4.70 -14.57 -16.23
CA THR A 102 4.18 -14.89 -14.90
C THR A 102 5.13 -14.55 -13.76
N PHE A 103 4.55 -14.20 -12.62
CA PHE A 103 5.30 -13.82 -11.42
C PHE A 103 5.16 -14.83 -10.30
N GLY A 104 6.12 -14.82 -9.39
CA GLY A 104 6.07 -15.69 -8.22
C GLY A 104 5.13 -14.96 -7.27
N SER A 105 4.72 -15.60 -6.18
CA SER A 105 3.81 -14.99 -5.22
C SER A 105 4.48 -13.95 -4.33
N GLY A 106 5.80 -13.89 -4.41
CA GLY A 106 6.55 -12.92 -3.62
C GLY A 106 6.95 -13.40 -2.24
N THR A 107 8.06 -12.88 -1.76
CA THR A 107 8.57 -13.21 -0.44
C THR A 107 8.80 -11.90 0.29
N LYS A 108 8.08 -11.69 1.38
CA LYS A 108 8.23 -10.46 2.14
C LYS A 108 9.42 -10.53 3.09
N LEU A 109 10.31 -9.56 2.99
CA LEU A 109 11.47 -9.52 3.86
C LEU A 109 11.03 -8.82 5.14
N GLU A 110 11.19 -9.50 6.27
CA GLU A 110 10.82 -8.92 7.56
C GLU A 110 12.07 -8.67 8.38
N ILE A 111 12.21 -7.45 8.88
CA ILE A 111 13.36 -7.08 9.67
C ILE A 111 13.19 -7.41 11.14
N LYS A 112 14.15 -8.14 11.70
CA LYS A 112 14.10 -8.49 13.10
C LYS A 112 14.79 -7.39 13.89
N ARG A 113 14.19 -7.03 15.02
CA ARG A 113 14.73 -6.00 15.89
C ARG A 113 14.35 -6.29 17.32
N ALA A 114 14.73 -5.40 18.23
CA ALA A 114 14.44 -5.57 19.64
C ALA A 114 12.97 -5.30 19.94
N ASP A 115 12.44 -6.00 20.95
CA ASP A 115 11.06 -5.82 21.34
C ASP A 115 10.79 -4.37 21.68
N ALA A 116 9.59 -3.90 21.37
CA ALA A 116 9.18 -2.53 21.64
C ALA A 116 7.72 -2.52 22.03
N ALA A 117 7.41 -1.99 23.20
CA ALA A 117 6.04 -1.92 23.67
C ALA A 117 5.31 -0.87 22.86
N PRO A 118 4.03 -1.08 22.58
CA PRO A 118 3.28 -0.08 21.81
C PRO A 118 2.94 1.17 22.59
N THR A 119 2.83 2.29 21.87
CA THR A 119 2.42 3.54 22.48
C THR A 119 0.93 3.53 22.15
N VAL A 120 0.11 3.42 23.19
CA VAL A 120 -1.33 3.34 23.01
C VAL A 120 -2.02 4.65 23.36
N SER A 121 -2.83 5.14 22.43
CA SER A 121 -3.56 6.39 22.62
C SER A 121 -5.03 6.15 22.27
N ILE A 122 -5.93 6.57 23.16
CA ILE A 122 -7.35 6.41 22.89
C ILE A 122 -7.98 7.78 22.66
N PHE A 123 -8.95 7.84 21.75
CA PHE A 123 -9.61 9.11 21.43
C PHE A 123 -11.12 9.04 21.45
N PRO A 124 -11.76 9.87 22.28
CA PRO A 124 -13.21 9.87 22.34
C PRO A 124 -13.74 10.44 21.02
N PRO A 125 -15.03 10.22 20.74
CA PRO A 125 -15.59 10.73 19.49
C PRO A 125 -15.37 12.25 19.44
N SER A 126 -15.13 12.78 18.25
CA SER A 126 -14.94 14.21 18.11
C SER A 126 -16.29 14.90 18.26
N SER A 127 -16.29 16.14 18.72
CA SER A 127 -17.54 16.86 18.87
C SER A 127 -18.24 16.95 17.52
N GLU A 128 -17.47 17.15 16.45
N GLU A 128 -17.48 17.16 16.45
CA GLU A 128 -18.05 17.24 15.12
CA GLU A 128 -18.08 17.26 15.13
C GLU A 128 -18.80 15.98 14.72
C GLU A 128 -18.79 15.99 14.70
N GLN A 129 -18.19 14.83 14.97
CA GLN A 129 -18.83 13.58 14.61
C GLN A 129 -20.12 13.39 15.39
N LEU A 130 -20.09 13.74 16.67
CA LEU A 130 -21.28 13.60 17.51
C LEU A 130 -22.46 14.41 16.98
N THR A 131 -22.19 15.62 16.52
CA THR A 131 -23.27 16.46 15.98
C THR A 131 -23.86 15.77 14.74
N SER A 132 -23.05 14.93 14.11
CA SER A 132 -23.49 14.22 12.92
C SER A 132 -24.12 12.87 13.24
N GLY A 133 -24.41 12.65 14.52
CA GLY A 133 -25.04 11.39 14.93
C GLY A 133 -24.14 10.17 14.94
N GLY A 134 -22.83 10.38 14.87
CA GLY A 134 -21.91 9.25 14.88
C GLY A 134 -21.04 9.24 16.12
N ALA A 135 -20.46 8.09 16.44
CA ALA A 135 -19.60 7.99 17.62
C ALA A 135 -18.52 6.93 17.47
N SER A 136 -17.42 7.29 16.82
CA SER A 136 -16.30 6.37 16.65
C SER A 136 -15.26 6.64 17.72
N VAL A 137 -14.82 5.58 18.38
CA VAL A 137 -13.80 5.68 19.41
C VAL A 137 -12.56 5.07 18.75
N VAL A 138 -11.49 5.84 18.66
CA VAL A 138 -10.28 5.40 18.00
C VAL A 138 -9.12 5.10 18.95
N CYS A 139 -8.41 4.02 18.66
CA CYS A 139 -7.26 3.66 19.47
C CYS A 139 -6.07 3.40 18.56
N PHE A 140 -4.97 4.11 18.78
CA PHE A 140 -3.77 3.89 18.00
C PHE A 140 -2.79 3.11 18.87
N LEU A 141 -2.20 2.07 18.30
CA LEU A 141 -1.19 1.26 18.99
C LEU A 141 0.01 1.36 18.08
N ASN A 142 0.89 2.32 18.38
CA ASN A 142 2.04 2.62 17.54
C ASN A 142 3.44 2.16 17.91
N ASN A 143 4.23 2.00 16.85
CA ASN A 143 5.65 1.62 16.90
C ASN A 143 6.03 0.50 17.86
N PHE A 144 5.41 -0.66 17.66
CA PHE A 144 5.70 -1.82 18.48
C PHE A 144 6.38 -2.94 17.68
N TYR A 145 6.94 -3.91 18.39
CA TYR A 145 7.60 -5.07 17.78
C TYR A 145 7.67 -6.14 18.87
N PRO A 146 7.37 -7.41 18.53
CA PRO A 146 6.99 -7.98 17.23
C PRO A 146 5.64 -7.54 16.68
N GLN A 147 5.38 -7.95 15.43
CA GLN A 147 4.17 -7.54 14.70
C GLN A 147 2.81 -7.92 15.22
N ASP A 148 2.72 -8.98 16.00
CA ASP A 148 1.42 -9.41 16.51
C ASP A 148 1.02 -8.75 17.81
N ILE A 149 -0.23 -8.32 17.85
CA ILE A 149 -0.79 -7.66 19.01
C ILE A 149 -2.28 -7.97 19.04
N THR A 150 -2.86 -7.99 20.24
CA THR A 150 -4.29 -8.27 20.36
C THR A 150 -4.95 -7.05 20.99
N VAL A 151 -6.09 -6.66 20.43
CA VAL A 151 -6.82 -5.51 20.94
C VAL A 151 -8.24 -5.89 21.32
N SER A 152 -8.63 -5.50 22.52
CA SER A 152 -9.97 -5.79 23.00
C SER A 152 -10.65 -4.51 23.44
N TRP A 153 -11.92 -4.37 23.09
CA TRP A 153 -12.70 -3.20 23.47
C TRP A 153 -13.67 -3.56 24.58
N LYS A 154 -13.71 -2.73 25.61
CA LYS A 154 -14.62 -2.96 26.74
C LYS A 154 -15.49 -1.75 26.99
N ILE A 155 -16.80 -1.96 27.01
CA ILE A 155 -17.74 -0.89 27.28
C ILE A 155 -18.35 -1.16 28.64
N ASP A 156 -17.98 -0.34 29.62
CA ASP A 156 -18.44 -0.52 31.00
C ASP A 156 -18.02 -1.91 31.47
N GLY A 157 -16.81 -2.31 31.11
CA GLY A 157 -16.29 -3.60 31.50
C GLY A 157 -16.59 -4.77 30.59
N ALA A 158 -17.73 -4.73 29.91
CA ALA A 158 -18.12 -5.82 29.01
C ALA A 158 -17.44 -5.68 27.64
N GLU A 159 -16.93 -6.79 27.13
CA GLU A 159 -16.25 -6.79 25.84
C GLU A 159 -17.19 -6.60 24.65
N ARG A 160 -16.67 -5.91 23.63
CA ARG A 160 -17.44 -5.65 22.42
C ARG A 160 -16.62 -6.08 21.20
N SER A 161 -17.18 -6.96 20.38
CA SER A 161 -16.48 -7.45 19.19
C SER A 161 -16.97 -6.89 17.87
N SER A 162 -18.26 -6.58 17.79
CA SER A 162 -18.85 -6.05 16.56
C SER A 162 -18.66 -4.54 16.45
N GLY A 163 -18.55 -4.04 15.23
CA GLY A 163 -18.38 -2.62 15.01
C GLY A 163 -16.95 -2.19 15.27
N VAL A 164 -16.01 -3.11 15.12
CA VAL A 164 -14.59 -2.83 15.33
C VAL A 164 -13.85 -2.95 14.01
N LEU A 165 -13.21 -1.84 13.58
CA LEU A 165 -12.47 -1.82 12.34
C LEU A 165 -10.98 -1.74 12.63
N ASN A 166 -10.21 -2.73 12.18
CA ASN A 166 -8.77 -2.76 12.41
C ASN A 166 -7.93 -2.62 11.16
N SER A 167 -6.81 -1.89 11.27
N SER A 167 -6.81 -1.91 11.27
CA SER A 167 -5.90 -1.70 10.14
CA SER A 167 -5.91 -1.71 10.15
C SER A 167 -4.46 -1.72 10.67
C SER A 167 -4.47 -1.74 10.68
N TRP A 168 -3.56 -2.26 9.86
CA TRP A 168 -2.15 -2.37 10.24
C TRP A 168 -1.21 -1.81 9.18
N THR A 169 -0.17 -1.11 9.62
CA THR A 169 0.79 -0.56 8.69
C THR A 169 1.79 -1.66 8.34
N ASP A 170 2.52 -1.45 7.24
CA ASP A 170 3.55 -2.40 6.85
C ASP A 170 4.72 -2.04 7.75
N GLN A 171 5.68 -2.94 7.88
CA GLN A 171 6.83 -2.65 8.74
C GLN A 171 7.53 -1.35 8.35
N ASP A 172 7.85 -0.53 9.34
CA ASP A 172 8.51 0.75 9.06
C ASP A 172 9.90 0.55 8.48
N SER A 173 10.21 1.27 7.40
CA SER A 173 11.50 1.15 6.74
C SER A 173 12.68 1.77 7.50
N SER A 174 12.38 2.57 8.52
CA SER A 174 13.43 3.21 9.31
C SER A 174 13.66 2.56 10.67
N ASP A 175 12.60 2.39 11.47
CA ASP A 175 12.78 1.78 12.78
C ASP A 175 12.31 0.34 12.89
N SER A 176 11.82 -0.22 11.79
CA SER A 176 11.39 -1.62 11.75
C SER A 176 10.25 -1.99 12.68
N THR A 177 9.45 -1.01 13.11
CA THR A 177 8.33 -1.29 13.99
C THR A 177 7.04 -1.41 13.20
N TYR A 178 5.98 -1.76 13.91
CA TYR A 178 4.64 -1.93 13.34
C TYR A 178 3.66 -1.03 14.11
N SER A 179 2.59 -0.62 13.46
CA SER A 179 1.58 0.20 14.10
C SER A 179 0.21 -0.33 13.72
N MET A 180 -0.77 -0.03 14.57
CA MET A 180 -2.12 -0.50 14.34
C MET A 180 -3.15 0.53 14.78
N SER A 181 -4.28 0.53 14.08
N SER A 181 -4.29 0.55 14.09
CA SER A 181 -5.40 1.41 14.38
CA SER A 181 -5.39 1.44 14.40
C SER A 181 -6.62 0.53 14.58
C SER A 181 -6.63 0.57 14.57
N SER A 182 -7.37 0.80 15.65
CA SER A 182 -8.57 0.03 15.94
C SER A 182 -9.66 1.05 16.24
N THR A 183 -10.77 0.95 15.51
CA THR A 183 -11.88 1.88 15.68
C THR A 183 -13.17 1.18 16.02
N LEU A 184 -13.77 1.56 17.14
CA LEU A 184 -15.04 1.01 17.60
C LEU A 184 -16.08 1.97 17.04
N THR A 185 -16.90 1.47 16.12
CA THR A 185 -17.91 2.28 15.47
C THR A 185 -19.29 2.10 16.10
N LEU A 186 -19.73 3.12 16.83
CA LEU A 186 -21.03 3.08 17.50
C LEU A 186 -21.90 4.23 17.01
N THR A 187 -23.20 4.15 17.29
CA THR A 187 -24.12 5.22 16.92
C THR A 187 -24.06 6.13 18.15
N LYS A 188 -24.47 7.39 18.00
CA LYS A 188 -24.46 8.31 19.13
C LYS A 188 -25.31 7.74 20.26
N ASP A 189 -26.48 7.21 19.90
N ASP A 189 -26.48 7.20 19.89
CA ASP A 189 -27.38 6.65 20.89
CA ASP A 189 -27.40 6.61 20.84
C ASP A 189 -26.72 5.53 21.69
C ASP A 189 -26.72 5.53 21.68
N GLU A 190 -26.02 4.63 21.00
CA GLU A 190 -25.32 3.53 21.67
C GLU A 190 -24.25 4.09 22.59
N TYR A 191 -23.44 5.00 22.04
CA TYR A 191 -22.36 5.63 22.79
C TYR A 191 -22.87 6.20 24.12
N GLU A 192 -24.06 6.78 24.08
CA GLU A 192 -24.64 7.39 25.26
C GLU A 192 -25.31 6.42 26.23
N ARG A 193 -25.28 5.13 25.91
CA ARG A 193 -25.88 4.12 26.78
C ARG A 193 -24.87 3.62 27.79
N HIS A 194 -23.63 4.09 27.68
CA HIS A 194 -22.58 3.68 28.58
C HIS A 194 -21.64 4.84 28.86
N SER A 195 -20.67 4.65 29.76
CA SER A 195 -19.75 5.73 30.09
C SER A 195 -18.28 5.38 29.95
N SER A 196 -17.89 4.18 30.34
CA SER A 196 -16.49 3.76 30.27
C SER A 196 -16.10 3.02 29.00
N TYR A 197 -15.17 3.61 28.25
CA TYR A 197 -14.68 3.00 27.01
C TYR A 197 -13.19 2.71 27.16
N THR A 198 -12.83 1.44 26.96
CA THR A 198 -11.45 1.01 27.12
C THR A 198 -10.82 0.30 25.93
N CYS A 199 -9.57 0.66 25.65
CA CYS A 199 -8.79 0.04 24.58
C CYS A 199 -7.77 -0.80 25.34
N GLU A 200 -7.91 -2.12 25.27
CA GLU A 200 -6.99 -3.00 25.97
C GLU A 200 -6.10 -3.71 24.97
N ALA A 201 -4.80 -3.50 25.09
CA ALA A 201 -3.84 -4.12 24.19
C ALA A 201 -2.93 -5.12 24.89
N THR A 202 -2.87 -6.32 24.33
CA THR A 202 -2.02 -7.36 24.88
C THR A 202 -0.91 -7.61 23.87
N HIS A 203 0.33 -7.42 24.32
CA HIS A 203 1.49 -7.61 23.46
C HIS A 203 2.52 -8.44 24.24
N LYS A 204 3.39 -9.14 23.53
CA LYS A 204 4.38 -9.98 24.19
C LYS A 204 5.31 -9.22 25.12
N THR A 205 5.35 -7.90 24.99
CA THR A 205 6.23 -7.09 25.85
C THR A 205 5.74 -6.89 27.28
N SER A 206 4.57 -7.44 27.59
CA SER A 206 4.03 -7.29 28.94
C SER A 206 3.03 -8.38 29.29
N THR A 207 3.08 -8.86 30.53
CA THR A 207 2.16 -9.89 31.00
C THR A 207 0.79 -9.26 31.14
N SER A 208 0.77 -8.02 31.63
CA SER A 208 -0.46 -7.28 31.83
C SER A 208 -0.76 -6.43 30.60
N PRO A 209 -2.04 -6.37 30.19
CA PRO A 209 -2.45 -5.59 29.03
C PRO A 209 -2.27 -4.10 29.25
N ILE A 210 -1.94 -3.36 28.19
CA ILE A 210 -1.77 -1.92 28.30
C ILE A 210 -3.19 -1.38 28.20
N THR A 211 -3.65 -0.69 29.24
CA THR A 211 -5.00 -0.16 29.25
C THR A 211 -5.10 1.35 29.11
N LYS A 212 -5.94 1.78 28.17
CA LYS A 212 -6.19 3.19 27.92
C LYS A 212 -7.70 3.34 27.88
N SER A 213 -8.22 4.33 28.59
CA SER A 213 -9.67 4.52 28.62
C SER A 213 -10.06 5.95 28.98
N PHE A 214 -11.36 6.18 28.97
CA PHE A 214 -11.92 7.48 29.29
C PHE A 214 -13.39 7.28 29.60
N ASN A 215 -14.00 8.27 30.25
CA ASN A 215 -15.42 8.18 30.58
C ASN A 215 -16.18 9.24 29.80
N ARG A 216 -17.26 8.82 29.16
CA ARG A 216 -18.08 9.72 28.38
C ARG A 216 -18.62 10.83 29.26
N GLY A 217 -19.03 10.45 30.47
CA GLY A 217 -19.57 11.43 31.41
C GLY A 217 -18.47 12.28 32.00
N GLU A 218 -17.49 12.64 31.18
CA GLU A 218 -16.37 13.47 31.61
C GLU A 218 -15.76 14.21 30.41
N GLU B 1 15.69 11.93 -17.08
CA GLU B 1 15.08 11.00 -16.09
C GLU B 1 13.95 10.23 -16.75
N VAL B 2 14.05 8.90 -16.74
CA VAL B 2 13.00 8.06 -17.33
C VAL B 2 11.72 8.21 -16.52
N THR B 3 10.59 8.29 -17.21
CA THR B 3 9.32 8.44 -16.52
C THR B 3 8.15 7.81 -17.28
N LEU B 4 7.25 7.20 -16.54
CA LEU B 4 6.04 6.58 -17.06
C LEU B 4 4.95 7.06 -16.11
N GLN B 5 3.89 7.62 -16.66
CA GLN B 5 2.82 8.14 -15.82
C GLN B 5 1.44 7.68 -16.30
N GLU B 6 0.76 6.90 -15.46
CA GLU B 6 -0.57 6.41 -15.82
C GLU B 6 -1.63 7.43 -15.46
N SER B 7 -2.79 7.31 -16.10
CA SER B 7 -3.92 8.19 -15.84
C SER B 7 -5.15 7.49 -16.41
N GLY B 8 -6.33 7.99 -16.06
CA GLY B 8 -7.56 7.39 -16.56
C GLY B 8 -8.16 6.31 -15.68
N GLY B 9 -7.55 6.07 -14.53
CA GLY B 9 -8.07 5.06 -13.64
C GLY B 9 -9.26 5.59 -12.85
N GLY B 10 -9.67 4.84 -11.83
CA GLY B 10 -10.78 5.27 -11.01
C GLY B 10 -11.93 4.28 -10.95
N LEU B 11 -13.07 4.76 -10.45
CA LEU B 11 -14.27 3.96 -10.30
C LEU B 11 -14.93 3.72 -11.65
N VAL B 12 -15.34 2.47 -11.90
CA VAL B 12 -16.00 2.12 -13.15
C VAL B 12 -17.11 1.11 -12.92
N GLN B 13 -18.22 1.30 -13.62
CA GLN B 13 -19.38 0.43 -13.49
C GLN B 13 -19.13 -0.97 -14.05
N PRO B 14 -19.57 -2.01 -13.33
CA PRO B 14 -19.38 -3.37 -13.82
C PRO B 14 -20.03 -3.42 -15.20
N GLY B 15 -19.34 -4.00 -16.16
CA GLY B 15 -19.88 -4.06 -17.51
C GLY B 15 -19.58 -2.79 -18.29
N GLY B 16 -19.01 -1.79 -17.61
CA GLY B 16 -18.69 -0.54 -18.26
C GLY B 16 -17.34 -0.58 -18.96
N SER B 17 -16.91 0.58 -19.45
N SER B 17 -16.91 0.58 -19.45
CA SER B 17 -15.64 0.69 -20.16
CA SER B 17 -15.64 0.68 -20.15
C SER B 17 -14.76 1.76 -19.53
C SER B 17 -14.76 1.76 -19.52
N MET B 18 -13.45 1.63 -19.73
CA MET B 18 -12.49 2.58 -19.19
C MET B 18 -11.19 2.48 -20.00
N LYS B 19 -10.59 3.62 -20.34
CA LYS B 19 -9.35 3.59 -21.09
C LYS B 19 -8.24 4.20 -20.27
N LEU B 20 -7.21 3.40 -20.01
CA LEU B 20 -6.06 3.86 -19.25
C LEU B 20 -5.01 4.40 -20.21
N SER B 21 -4.31 5.43 -19.79
CA SER B 21 -3.26 6.01 -20.63
C SER B 21 -1.95 6.01 -19.85
N CYS B 22 -0.85 6.03 -20.59
CA CYS B 22 0.47 6.03 -19.99
C CYS B 22 1.41 6.85 -20.86
N ALA B 23 1.86 7.99 -20.33
CA ALA B 23 2.75 8.88 -21.04
C ALA B 23 4.20 8.59 -20.63
N ALA B 24 5.05 8.39 -21.62
CA ALA B 24 6.45 8.09 -21.37
C ALA B 24 7.35 9.26 -21.70
N SER B 25 8.48 9.33 -21.02
CA SER B 25 9.46 10.38 -21.25
C SER B 25 10.77 9.92 -20.64
N GLY B 26 11.88 10.44 -21.15
CA GLY B 26 13.16 10.06 -20.59
C GLY B 26 13.86 8.88 -21.27
N PHE B 27 13.19 8.26 -22.24
CA PHE B 27 13.79 7.15 -22.96
C PHE B 27 13.16 7.03 -24.34
N THR B 28 13.76 6.21 -25.19
CA THR B 28 13.26 6.03 -26.55
C THR B 28 12.02 5.13 -26.58
N PHE B 29 10.85 5.73 -26.36
CA PHE B 29 9.60 5.00 -26.33
C PHE B 29 9.31 4.20 -27.61
N SER B 30 9.61 4.79 -28.77
CA SER B 30 9.34 4.11 -30.04
C SER B 30 10.07 2.79 -30.23
N ASP B 31 11.23 2.61 -29.57
CA ASP B 31 11.97 1.36 -29.69
C ASP B 31 11.59 0.33 -28.64
N ALA B 32 10.83 0.75 -27.64
CA ALA B 32 10.45 -0.18 -26.57
C ALA B 32 9.16 -0.94 -26.80
N TRP B 33 9.07 -2.09 -26.13
CA TRP B 33 7.86 -2.90 -26.16
C TRP B 33 7.22 -2.40 -24.86
N VAL B 34 5.91 -2.23 -24.84
CA VAL B 34 5.27 -1.73 -23.63
C VAL B 34 4.21 -2.68 -23.08
N ASP B 35 4.18 -2.79 -21.76
CA ASP B 35 3.27 -3.71 -21.08
C ASP B 35 2.42 -3.09 -19.99
N TRP B 36 1.33 -3.78 -19.66
CA TRP B 36 0.46 -3.38 -18.57
C TRP B 36 0.51 -4.56 -17.62
N VAL B 37 0.72 -4.28 -16.34
CA VAL B 37 0.77 -5.31 -15.32
C VAL B 37 -0.14 -4.83 -14.21
N ARG B 38 -1.02 -5.69 -13.71
CA ARG B 38 -1.91 -5.23 -12.64
C ARG B 38 -1.65 -5.97 -11.34
N GLN B 39 -2.15 -5.42 -10.26
CA GLN B 39 -1.95 -6.04 -8.96
C GLN B 39 -3.23 -6.08 -8.14
N SER B 40 -3.52 -7.25 -7.59
CA SER B 40 -4.70 -7.46 -6.76
C SER B 40 -4.40 -8.53 -5.72
N PRO B 41 -5.07 -8.46 -4.55
CA PRO B 41 -4.82 -9.45 -3.50
C PRO B 41 -5.26 -10.83 -3.97
N GLY B 42 -4.50 -11.86 -3.58
CA GLY B 42 -4.85 -13.20 -3.99
C GLY B 42 -4.65 -13.36 -5.50
N LYS B 43 -3.51 -12.87 -5.97
CA LYS B 43 -3.15 -12.93 -7.38
C LYS B 43 -1.81 -12.23 -7.55
N GLY B 44 -1.50 -11.34 -6.61
CA GLY B 44 -0.25 -10.62 -6.67
C GLY B 44 -0.11 -9.90 -7.99
N LEU B 45 1.12 -9.87 -8.51
CA LEU B 45 1.36 -9.21 -9.78
C LEU B 45 0.90 -10.11 -10.92
N GLU B 46 0.12 -9.55 -11.84
CA GLU B 46 -0.40 -10.32 -12.96
C GLU B 46 -0.18 -9.58 -14.28
N TRP B 47 0.52 -10.22 -15.23
CA TRP B 47 0.76 -9.61 -16.52
C TRP B 47 -0.58 -9.51 -17.25
N VAL B 48 -0.83 -8.39 -17.91
CA VAL B 48 -2.09 -8.18 -18.62
C VAL B 48 -2.00 -8.14 -20.14
N ALA B 49 -1.15 -7.29 -20.68
CA ALA B 49 -1.02 -7.18 -22.12
C ALA B 49 0.27 -6.50 -22.54
N GLU B 50 0.63 -6.66 -23.82
CA GLU B 50 1.84 -6.04 -24.34
C GLU B 50 1.71 -5.69 -25.80
N ILE B 51 2.34 -4.58 -26.19
CA ILE B 51 2.36 -4.18 -27.59
C ILE B 51 3.82 -3.98 -27.97
N ARG B 52 4.23 -4.61 -29.07
CA ARG B 52 5.61 -4.54 -29.52
C ARG B 52 5.90 -3.26 -30.30
N ASN B 53 7.17 -3.01 -30.62
CA ASN B 53 7.53 -1.81 -31.37
C ASN B 53 7.23 -1.97 -32.85
N LYS B 54 7.38 -0.87 -33.58
CA LYS B 54 7.11 -0.85 -35.03
C LYS B 54 7.93 -1.90 -35.77
N ALA B 55 9.19 -2.05 -35.38
CA ALA B 55 10.09 -3.00 -36.01
C ALA B 55 9.58 -4.42 -35.81
N ASN B 56 8.85 -4.64 -34.72
CA ASN B 56 8.31 -5.96 -34.45
C ASN B 56 6.82 -6.04 -34.77
N ASN B 57 6.40 -5.24 -35.75
CA ASN B 57 5.03 -5.20 -36.25
C ASN B 57 3.93 -4.79 -35.27
N HIS B 58 4.27 -4.02 -34.24
CA HIS B 58 3.25 -3.57 -33.28
C HIS B 58 2.37 -4.72 -32.79
N ALA B 59 2.87 -5.95 -32.84
CA ALA B 59 2.07 -7.10 -32.41
C ALA B 59 1.58 -6.98 -30.96
N THR B 60 0.38 -7.46 -30.72
CA THR B 60 -0.22 -7.42 -29.39
C THR B 60 -0.46 -8.81 -28.81
N LYS B 61 -0.24 -8.95 -27.51
CA LYS B 61 -0.44 -10.22 -26.82
C LYS B 61 -1.24 -9.89 -25.56
N TYR B 62 -2.20 -10.74 -25.23
CA TYR B 62 -3.06 -10.54 -24.06
C TYR B 62 -3.15 -11.78 -23.19
N THR B 63 -3.33 -11.58 -21.87
CA THR B 63 -3.47 -12.72 -20.98
C THR B 63 -4.87 -13.26 -21.23
N GLU B 64 -5.06 -14.55 -21.03
CA GLU B 64 -6.35 -15.20 -21.29
C GLU B 64 -7.61 -14.53 -20.76
N SER B 65 -7.62 -14.14 -19.49
CA SER B 65 -8.80 -13.53 -18.89
C SER B 65 -9.27 -12.18 -19.45
N VAL B 66 -8.44 -11.49 -20.22
CA VAL B 66 -8.86 -10.20 -20.78
C VAL B 66 -8.96 -10.19 -22.30
N LYS B 67 -8.58 -11.30 -22.93
CA LYS B 67 -8.64 -11.37 -24.39
C LYS B 67 -10.06 -11.17 -24.87
N GLY B 68 -10.22 -10.27 -25.84
CA GLY B 68 -11.53 -9.98 -26.38
C GLY B 68 -12.21 -8.82 -25.68
N ARG B 69 -11.76 -8.50 -24.47
CA ARG B 69 -12.33 -7.39 -23.70
C ARG B 69 -11.41 -6.18 -23.65
N PHE B 70 -10.11 -6.45 -23.55
CA PHE B 70 -9.10 -5.39 -23.47
C PHE B 70 -8.37 -5.22 -24.79
N THR B 71 -8.00 -3.98 -25.10
CA THR B 71 -7.25 -3.67 -26.31
C THR B 71 -6.10 -2.73 -25.97
N ILE B 72 -4.88 -3.17 -26.25
CA ILE B 72 -3.72 -2.35 -25.98
C ILE B 72 -3.30 -1.68 -27.30
N SER B 73 -2.92 -0.42 -27.21
CA SER B 73 -2.51 0.34 -28.39
C SER B 73 -1.44 1.37 -28.00
N ARG B 74 -0.82 2.00 -29.00
CA ARG B 74 0.20 3.00 -28.72
C ARG B 74 0.21 4.10 -29.76
N ASP B 75 0.66 5.27 -29.34
CA ASP B 75 0.77 6.43 -30.22
C ASP B 75 2.20 6.92 -30.04
N ASP B 76 3.10 6.45 -30.90
CA ASP B 76 4.49 6.84 -30.80
C ASP B 76 4.74 8.34 -30.93
N SER B 77 3.85 9.06 -31.61
CA SER B 77 4.03 10.50 -31.77
C SER B 77 3.82 11.21 -30.44
N LYS B 78 3.12 10.54 -29.53
CA LYS B 78 2.85 11.11 -28.21
C LYS B 78 3.54 10.31 -27.11
N SER B 79 4.38 9.36 -27.51
CA SER B 79 5.10 8.50 -26.56
C SER B 79 4.15 7.98 -25.49
N SER B 80 2.99 7.49 -25.94
CA SER B 80 2.00 6.97 -25.00
C SER B 80 1.46 5.60 -25.41
N VAL B 81 1.06 4.82 -24.41
CA VAL B 81 0.49 3.50 -24.62
C VAL B 81 -0.87 3.55 -23.94
N TYR B 82 -1.82 2.77 -24.43
CA TYR B 82 -3.17 2.78 -23.87
C TYR B 82 -3.73 1.40 -23.61
N LEU B 83 -4.70 1.32 -22.72
CA LEU B 83 -5.35 0.06 -22.45
C LEU B 83 -6.85 0.32 -22.40
N GLN B 84 -7.54 -0.05 -23.46
CA GLN B 84 -8.99 0.13 -23.55
C GLN B 84 -9.61 -1.11 -22.91
N MET B 85 -10.33 -0.92 -21.82
CA MET B 85 -10.96 -2.02 -21.12
C MET B 85 -12.48 -1.98 -21.30
N ASN B 86 -13.05 -3.12 -21.70
CA ASN B 86 -14.49 -3.24 -21.93
C ASN B 86 -15.06 -4.36 -21.05
N SER B 87 -16.39 -4.36 -20.90
CA SER B 87 -17.07 -5.37 -20.12
C SER B 87 -16.31 -5.68 -18.83
N LEU B 88 -15.96 -4.62 -18.10
CA LEU B 88 -15.21 -4.78 -16.87
C LEU B 88 -15.92 -5.62 -15.82
N ARG B 89 -15.16 -6.48 -15.15
CA ARG B 89 -15.67 -7.38 -14.12
C ARG B 89 -15.00 -7.09 -12.78
N ALA B 90 -15.57 -7.65 -11.72
CA ALA B 90 -15.02 -7.46 -10.38
C ALA B 90 -13.56 -7.88 -10.33
N GLU B 91 -13.25 -8.97 -11.01
CA GLU B 91 -11.89 -9.53 -11.08
C GLU B 91 -10.88 -8.56 -11.68
N ASP B 92 -11.35 -7.53 -12.38
CA ASP B 92 -10.43 -6.57 -13.01
C ASP B 92 -9.98 -5.48 -12.06
N THR B 93 -10.56 -5.43 -10.86
CA THR B 93 -10.20 -4.41 -9.88
C THR B 93 -8.74 -4.58 -9.45
N GLY B 94 -8.07 -3.44 -9.25
CA GLY B 94 -6.68 -3.47 -8.81
C GLY B 94 -5.86 -2.29 -9.32
N ILE B 95 -4.57 -2.29 -8.99
N ILE B 95 -4.58 -2.27 -9.00
CA ILE B 95 -3.67 -1.23 -9.43
CA ILE B 95 -3.69 -1.20 -9.43
C ILE B 95 -3.05 -1.63 -10.77
C ILE B 95 -3.04 -1.61 -10.76
N TYR B 96 -3.18 -0.77 -11.76
CA TYR B 96 -2.62 -1.04 -13.08
C TYR B 96 -1.35 -0.24 -13.29
N TYR B 97 -0.30 -0.94 -13.71
CA TYR B 97 0.99 -0.32 -13.95
C TYR B 97 1.42 -0.46 -15.39
N CYS B 98 2.06 0.60 -15.86
N CYS B 98 1.98 0.62 -15.96
CA CYS B 98 2.59 0.66 -17.19
CA CYS B 98 2.52 0.50 -17.30
C CYS B 98 4.07 0.34 -16.99
C CYS B 98 4.01 0.36 -17.06
N THR B 99 4.63 -0.53 -17.82
CA THR B 99 6.06 -0.82 -17.69
C THR B 99 6.57 -1.09 -19.09
N SER B 100 7.84 -0.77 -19.34
N SER B 100 7.84 -0.77 -19.34
CA SER B 100 8.42 -0.98 -20.65
CA SER B 100 8.41 -0.96 -20.66
C SER B 100 9.70 -1.79 -20.65
C SER B 100 9.71 -1.76 -20.66
N VAL B 101 9.96 -2.42 -21.78
CA VAL B 101 11.17 -3.20 -21.97
C VAL B 101 11.86 -2.34 -23.02
N PRO B 102 12.82 -1.50 -22.60
CA PRO B 102 13.53 -0.61 -23.51
C PRO B 102 14.33 -1.33 -24.61
N GLN B 103 14.75 -0.55 -25.60
CA GLN B 103 15.50 -1.07 -26.74
C GLN B 103 16.55 -2.12 -26.42
N LEU B 104 17.35 -1.92 -25.39
CA LEU B 104 18.38 -2.89 -25.06
C LEU B 104 17.97 -3.97 -24.03
N GLY B 105 16.67 -4.21 -23.91
CA GLY B 105 16.19 -5.24 -23.00
C GLY B 105 16.11 -4.90 -21.52
N ARG B 106 16.63 -5.79 -20.68
CA ARG B 106 16.63 -5.62 -19.22
C ARG B 106 15.27 -5.82 -18.60
N GLY B 107 14.49 -6.76 -19.14
CA GLY B 107 13.16 -7.02 -18.61
C GLY B 107 12.37 -5.73 -18.44
N PHE B 108 11.45 -5.71 -17.48
CA PHE B 108 10.64 -4.53 -17.24
C PHE B 108 11.48 -3.53 -16.45
N ALA B 109 12.28 -2.76 -17.17
CA ALA B 109 13.19 -1.80 -16.56
C ALA B 109 12.57 -0.56 -15.91
N TYR B 110 11.48 -0.07 -16.49
CA TYR B 110 10.83 1.14 -16.00
C TYR B 110 9.35 0.88 -15.70
N TRP B 111 8.87 1.45 -14.60
CA TRP B 111 7.48 1.28 -14.17
C TRP B 111 6.84 2.62 -13.82
N GLY B 112 5.53 2.74 -14.05
CA GLY B 112 4.83 3.97 -13.70
C GLY B 112 4.44 3.89 -12.22
N GLN B 113 3.72 4.89 -11.73
N GLN B 113 3.71 4.88 -11.74
CA GLN B 113 3.32 4.89 -10.32
CA GLN B 113 3.31 4.92 -10.33
C GLN B 113 2.06 4.08 -10.06
C GLN B 113 2.05 4.10 -10.06
N GLY B 114 1.36 3.71 -11.14
CA GLY B 114 0.15 2.92 -10.99
C GLY B 114 -1.12 3.73 -10.87
N THR B 115 -2.22 3.17 -11.37
CA THR B 115 -3.52 3.84 -11.29
C THR B 115 -4.51 2.79 -10.80
N LEU B 116 -5.27 3.14 -9.77
CA LEU B 116 -6.23 2.22 -9.19
C LEU B 116 -7.55 2.16 -9.95
N VAL B 117 -7.93 0.94 -10.34
CA VAL B 117 -9.19 0.70 -11.04
C VAL B 117 -10.11 -0.05 -10.09
N THR B 118 -11.28 0.54 -9.81
CA THR B 118 -12.25 -0.08 -8.92
C THR B 118 -13.53 -0.36 -9.71
N VAL B 119 -13.85 -1.64 -9.89
CA VAL B 119 -15.04 -2.03 -10.63
C VAL B 119 -16.17 -2.23 -9.62
N SER B 120 -17.07 -1.25 -9.57
CA SER B 120 -18.16 -1.29 -8.61
C SER B 120 -19.29 -0.36 -9.03
N ALA B 121 -20.52 -0.72 -8.65
CA ALA B 121 -21.71 0.07 -8.95
C ALA B 121 -21.98 1.09 -7.84
N ALA B 122 -21.16 1.06 -6.79
CA ALA B 122 -21.34 1.99 -5.68
C ALA B 122 -21.06 3.40 -6.19
N SER B 123 -21.65 4.40 -5.53
CA SER B 123 -21.45 5.78 -5.96
C SER B 123 -20.29 6.48 -5.27
N THR B 124 -19.76 7.50 -5.94
CA THR B 124 -18.66 8.29 -5.39
C THR B 124 -19.22 9.08 -4.22
N THR B 125 -18.54 9.00 -3.08
CA THR B 125 -18.98 9.67 -1.87
C THR B 125 -17.80 10.34 -1.20
N PRO B 126 -17.94 11.62 -0.83
CA PRO B 126 -16.86 12.37 -0.19
C PRO B 126 -16.68 11.95 1.27
N PRO B 127 -15.48 12.16 1.81
CA PRO B 127 -15.29 11.78 3.21
C PRO B 127 -15.69 12.86 4.20
N SER B 128 -15.88 12.45 5.44
CA SER B 128 -16.14 13.36 6.54
C SER B 128 -14.79 13.29 7.26
N VAL B 129 -14.25 14.41 7.67
CA VAL B 129 -12.96 14.41 8.35
C VAL B 129 -13.10 14.88 9.79
N TYR B 130 -12.67 14.05 10.73
CA TYR B 130 -12.78 14.38 12.15
C TYR B 130 -11.44 14.44 12.85
N PRO B 131 -11.23 15.48 13.69
CA PRO B 131 -9.98 15.64 14.43
C PRO B 131 -9.96 14.70 15.62
N LEU B 132 -8.79 14.13 15.91
CA LEU B 132 -8.66 13.23 17.04
C LEU B 132 -7.66 13.89 17.98
N ALA B 133 -8.17 14.44 19.08
CA ALA B 133 -7.32 15.10 20.07
C ALA B 133 -7.31 14.31 21.37
N PRO B 134 -6.21 14.40 22.13
CA PRO B 134 -6.07 13.70 23.41
C PRO B 134 -7.16 14.06 24.41
N GLY B 135 -7.57 13.09 25.22
CA GLY B 135 -8.60 13.34 26.21
C GLY B 135 -8.08 13.90 27.52
N SER B 136 -6.79 14.15 27.61
CA SER B 136 -6.18 14.69 28.83
C SER B 136 -4.92 15.49 28.55
N GLY B 137 -4.48 16.23 29.56
CA GLY B 137 -3.28 17.04 29.42
C GLY B 137 -2.05 16.17 29.21
N GLY B 138 -1.11 16.65 28.41
CA GLY B 138 0.09 15.88 28.15
C GLY B 138 1.16 16.07 29.21
N ALA B 139 2.10 15.13 29.26
CA ALA B 139 3.20 15.18 30.23
C ALA B 139 2.68 15.25 31.66
N GLY B 143 7.62 17.56 29.12
CA GLY B 143 8.59 17.06 28.16
C GLY B 143 8.27 15.65 27.69
N SER B 144 7.19 15.51 26.94
CA SER B 144 6.77 14.21 26.44
C SER B 144 6.39 14.30 24.97
N MET B 145 5.92 13.18 24.42
CA MET B 145 5.47 13.15 23.03
C MET B 145 3.95 13.00 23.07
N VAL B 146 3.26 13.71 22.19
CA VAL B 146 1.80 13.64 22.15
C VAL B 146 1.35 13.12 20.78
N THR B 147 0.34 12.26 20.77
CA THR B 147 -0.16 11.69 19.53
C THR B 147 -1.54 12.24 19.20
N LEU B 148 -1.68 12.71 17.97
CA LEU B 148 -2.95 13.27 17.49
C LEU B 148 -3.36 12.46 16.29
N GLY B 149 -4.60 12.66 15.84
CA GLY B 149 -5.04 11.92 14.68
C GLY B 149 -6.15 12.56 13.88
N CYS B 150 -6.47 11.89 12.78
N CYS B 150 -6.51 11.93 12.76
CA CYS B 150 -7.47 12.34 11.83
CA CYS B 150 -7.60 12.40 11.94
C CYS B 150 -8.29 11.11 11.42
C CYS B 150 -8.30 11.17 11.41
N LEU B 151 -9.62 11.18 11.54
CA LEU B 151 -10.47 10.07 11.11
C LEU B 151 -11.14 10.49 9.81
N VAL B 152 -10.90 9.74 8.75
CA VAL B 152 -11.46 10.05 7.44
C VAL B 152 -12.47 8.94 7.19
N LYS B 153 -13.76 9.24 7.30
CA LYS B 153 -14.72 8.17 7.14
C LYS B 153 -15.85 8.38 6.16
N GLY B 154 -16.39 7.26 5.68
CA GLY B 154 -17.50 7.29 4.77
C GLY B 154 -17.26 7.73 3.34
N TYR B 155 -16.11 7.39 2.77
CA TYR B 155 -15.84 7.80 1.40
C TYR B 155 -15.73 6.62 0.45
N PHE B 156 -15.80 6.91 -0.85
CA PHE B 156 -15.69 5.90 -1.88
C PHE B 156 -15.49 6.62 -3.20
N PRO B 157 -14.60 6.13 -4.06
CA PRO B 157 -13.72 4.95 -3.89
C PRO B 157 -12.38 5.42 -3.33
N GLU B 158 -11.43 4.50 -3.26
CA GLU B 158 -10.10 4.88 -2.83
C GLU B 158 -9.53 5.57 -4.07
N PRO B 159 -8.47 6.38 -3.92
CA PRO B 159 -7.76 6.67 -2.68
C PRO B 159 -8.08 8.05 -2.13
N VAL B 160 -7.50 8.33 -0.96
CA VAL B 160 -7.60 9.63 -0.32
C VAL B 160 -6.14 9.90 0.05
N THR B 161 -5.76 11.17 0.11
CA THR B 161 -4.40 11.52 0.48
C THR B 161 -4.50 12.32 1.76
N VAL B 162 -3.64 12.02 2.73
CA VAL B 162 -3.64 12.73 4.00
C VAL B 162 -2.25 13.27 4.27
N THR B 163 -2.19 14.55 4.63
CA THR B 163 -0.91 15.17 4.98
C THR B 163 -1.15 15.91 6.28
N TRP B 164 -0.06 16.33 6.91
CA TRP B 164 -0.16 17.07 8.17
C TRP B 164 0.63 18.35 7.98
N ASN B 165 -0.01 19.48 8.24
CA ASN B 165 0.60 20.80 8.06
C ASN B 165 1.15 20.94 6.64
N SER B 166 0.33 20.54 5.67
CA SER B 166 0.68 20.62 4.26
C SER B 166 1.94 19.85 3.89
N GLY B 167 2.32 18.89 4.71
CA GLY B 167 3.51 18.11 4.42
C GLY B 167 4.71 18.42 5.30
N ALA B 168 4.60 19.47 6.10
CA ALA B 168 5.71 19.85 7.00
C ALA B 168 5.95 18.78 8.06
N LEU B 169 4.89 18.06 8.44
CA LEU B 169 5.02 16.99 9.43
C LEU B 169 4.85 15.66 8.72
N SER B 170 5.91 14.87 8.66
CA SER B 170 5.84 13.57 7.99
C SER B 170 6.59 12.50 8.76
N SER B 171 7.61 12.92 9.48
CA SER B 171 8.46 12.03 10.27
C SER B 171 7.74 11.11 11.26
N GLY B 172 6.82 11.68 12.05
CA GLY B 172 6.10 10.87 13.02
C GLY B 172 4.69 10.55 12.63
N VAL B 173 4.46 10.38 11.34
CA VAL B 173 3.13 10.10 10.81
C VAL B 173 2.92 8.63 10.46
N HIS B 174 1.70 8.15 10.72
CA HIS B 174 1.28 6.79 10.39
C HIS B 174 -0.10 6.91 9.78
N THR B 175 -0.19 6.74 8.46
CA THR B 175 -1.50 6.80 7.81
C THR B 175 -1.80 5.33 7.51
N PHE B 176 -2.87 4.84 8.11
CA PHE B 176 -3.26 3.45 7.99
C PHE B 176 -4.06 3.06 6.77
N PRO B 177 -3.97 1.79 6.36
CA PRO B 177 -4.73 1.33 5.18
C PRO B 177 -6.20 1.56 5.46
N ALA B 178 -6.96 1.90 4.44
CA ALA B 178 -8.39 2.11 4.60
C ALA B 178 -9.10 0.78 4.84
N VAL B 179 -10.25 0.84 5.50
CA VAL B 179 -11.03 -0.36 5.80
C VAL B 179 -12.43 -0.16 5.23
N LEU B 180 -12.90 -1.13 4.46
CA LEU B 180 -14.22 -1.03 3.86
C LEU B 180 -15.26 -1.58 4.83
N ASN B 181 -16.28 -0.77 5.10
CA ASN B 181 -17.36 -1.17 5.98
C ASN B 181 -18.58 -1.36 5.08
N GLY B 182 -19.70 -0.72 5.42
CA GLY B 182 -20.88 -0.86 4.59
C GLY B 182 -20.77 -0.08 3.29
N ASP B 183 -20.03 -0.62 2.33
CA ASP B 183 -19.83 0.00 1.02
C ASP B 183 -19.05 1.32 1.06
N LEU B 184 -18.50 1.65 2.21
CA LEU B 184 -17.74 2.87 2.36
C LEU B 184 -16.44 2.62 3.12
N TYR B 185 -15.41 3.39 2.78
CA TYR B 185 -14.11 3.27 3.43
C TYR B 185 -13.97 4.20 4.62
N THR B 186 -13.18 3.75 5.59
CA THR B 186 -12.87 4.55 6.78
C THR B 186 -11.38 4.37 6.97
N LEU B 187 -10.68 5.48 7.14
CA LEU B 187 -9.23 5.48 7.30
C LEU B 187 -8.83 6.42 8.41
N SER B 188 -7.70 6.14 9.06
CA SER B 188 -7.22 7.01 10.11
C SER B 188 -5.74 7.27 9.91
N SER B 189 -5.30 8.41 10.42
CA SER B 189 -3.90 8.81 10.33
C SER B 189 -3.49 9.42 11.65
N SER B 190 -2.34 9.03 12.17
CA SER B 190 -1.88 9.60 13.43
C SER B 190 -0.57 10.35 13.19
N VAL B 191 -0.31 11.33 14.03
CA VAL B 191 0.93 12.08 13.96
C VAL B 191 1.37 12.26 15.41
N THR B 192 2.65 12.05 15.66
CA THR B 192 3.20 12.19 17.01
C THR B 192 4.22 13.32 17.00
N VAL B 193 4.04 14.27 17.91
CA VAL B 193 4.92 15.42 18.01
C VAL B 193 5.28 15.74 19.46
N PRO B 194 6.34 16.54 19.67
CA PRO B 194 6.71 16.89 21.05
C PRO B 194 5.57 17.66 21.71
N SER B 195 5.44 17.53 23.02
CA SER B 195 4.40 18.24 23.74
C SER B 195 4.69 19.74 23.69
N SER B 196 5.90 20.09 23.24
CA SER B 196 6.29 21.48 23.12
C SER B 196 5.88 22.04 21.75
N THR B 197 5.43 21.14 20.87
CA THR B 197 4.99 21.56 19.54
C THR B 197 3.49 21.82 19.52
N TRP B 198 2.72 20.90 20.07
CA TRP B 198 1.26 21.02 20.12
C TRP B 198 0.87 21.06 21.59
N PRO B 199 -0.15 21.85 21.97
CA PRO B 199 -0.99 22.72 21.13
C PRO B 199 -0.50 24.14 20.86
N SER B 200 0.73 24.47 21.25
CA SER B 200 1.22 25.82 21.00
C SER B 200 1.19 26.12 19.50
N GLN B 201 1.69 25.18 18.70
CA GLN B 201 1.69 25.37 17.25
C GLN B 201 0.47 24.68 16.66
N THR B 202 -0.02 25.21 15.55
N THR B 202 -0.05 25.22 15.56
CA THR B 202 -1.17 24.64 14.86
CA THR B 202 -1.20 24.64 14.90
C THR B 202 -0.79 23.34 14.17
C THR B 202 -0.82 23.37 14.17
N VAL B 203 -1.61 22.31 14.36
CA VAL B 203 -1.38 21.03 13.71
C VAL B 203 -2.70 20.75 13.00
N THR B 204 -2.62 20.69 11.68
N THR B 204 -2.65 20.63 11.69
CA THR B 204 -3.78 20.47 10.83
CA THR B 204 -3.88 20.37 10.95
C THR B 204 -3.65 19.22 9.96
C THR B 204 -3.68 19.28 9.93
N CYS B 205 -4.78 18.59 9.70
N CYS B 205 -4.67 18.40 9.79
CA CYS B 205 -4.84 17.40 8.86
CA CYS B 205 -4.57 17.36 8.80
C CYS B 205 -5.39 17.86 7.51
C CYS B 205 -5.28 17.87 7.56
N ASN B 206 -4.66 17.61 6.42
CA ASN B 206 -5.19 18.04 5.13
C ASN B 206 -5.60 16.78 4.39
N VAL B 207 -6.91 16.65 4.14
CA VAL B 207 -7.41 15.48 3.46
C VAL B 207 -7.91 15.84 2.06
N ALA B 208 -7.56 15.01 1.09
CA ALA B 208 -7.99 15.21 -0.28
C ALA B 208 -8.53 13.89 -0.83
N HIS B 209 -9.69 13.98 -1.50
CA HIS B 209 -10.34 12.83 -2.10
C HIS B 209 -10.52 13.23 -3.57
N PRO B 210 -9.56 12.89 -4.42
CA PRO B 210 -9.63 13.24 -5.83
C PRO B 210 -10.94 12.90 -6.52
N ALA B 211 -11.45 11.71 -6.28
CA ALA B 211 -12.69 11.27 -6.90
C ALA B 211 -13.87 12.22 -6.73
N SER B 212 -13.99 12.86 -5.57
CA SER B 212 -15.09 13.79 -5.31
C SER B 212 -14.63 15.24 -5.30
N SER B 213 -13.35 15.46 -5.58
CA SER B 213 -12.75 16.79 -5.59
C SER B 213 -12.92 17.46 -4.23
N THR B 214 -12.92 16.65 -3.19
CA THR B 214 -13.06 17.15 -1.84
C THR B 214 -11.70 17.51 -1.26
N GLN B 215 -11.65 18.61 -0.52
CA GLN B 215 -10.45 19.06 0.16
C GLN B 215 -10.91 19.59 1.49
N VAL B 216 -10.34 19.05 2.56
CA VAL B 216 -10.71 19.48 3.89
C VAL B 216 -9.48 19.68 4.75
N ASP B 217 -9.48 20.78 5.49
CA ASP B 217 -8.41 21.10 6.41
C ASP B 217 -9.07 21.05 7.77
N LYS B 218 -8.57 20.20 8.65
N LYS B 218 -8.54 20.20 8.65
CA LYS B 218 -9.12 20.09 10.00
CA LYS B 218 -9.09 20.08 9.98
C LYS B 218 -8.04 20.32 11.03
C LYS B 218 -8.00 20.35 11.01
N LYS B 219 -8.24 21.32 11.87
CA LYS B 219 -7.28 21.67 12.91
C LYS B 219 -7.54 20.83 14.15
N ILE B 220 -6.48 20.29 14.74
CA ILE B 220 -6.65 19.49 15.94
C ILE B 220 -6.59 20.46 17.11
N VAL B 221 -7.69 20.57 17.84
CA VAL B 221 -7.72 21.48 18.98
C VAL B 221 -7.93 20.71 20.27
N PRO B 222 -7.26 21.16 21.35
CA PRO B 222 -7.40 20.49 22.64
C PRO B 222 -8.86 20.40 23.03
N LYS B 223 -9.23 19.32 23.71
CA LYS B 223 -10.61 19.13 24.14
C LYS B 223 -10.81 19.62 25.57
C1 COC C . 14.84 -8.18 -24.36
O5 COC C . 13.71 -8.93 -23.87
C6 COC C . 13.37 -10.05 -24.54
O7 COC C . 14.15 -10.79 -25.05
C8 COC C . 11.83 -10.16 -24.53
C10 COC C . 11.44 -11.63 -24.09
N12 COC C . 11.94 -12.55 -25.12
C14 COC C . 12.08 -13.94 -24.64
C18 COC C . 9.92 -11.85 -23.98
C21 COC C . 9.53 -12.37 -25.39
C24 COC C . 10.89 -12.40 -26.14
C26 COC C . 11.16 -11.05 -26.89
C29 COC C . 11.16 -9.87 -25.90
O1 COC C . 11.78 -8.69 -26.52
C2 COC C . 11.45 -7.46 -26.06
O3 COC C . 10.72 -7.27 -25.13
C4 COC C . 12.13 -6.36 -26.86
C5 COC C . 12.12 -5.05 -26.32
C7 COC C . 12.74 -4.00 -27.05
C9 COC C . 13.34 -4.25 -28.27
C11 COC C . 13.36 -5.54 -28.78
C13 COC C . 12.74 -6.60 -28.08
#